data_8SL9
#
_entry.id   8SL9
#
_cell.length_a   42.847
_cell.length_b   73.977
_cell.length_c   69.557
_cell.angle_alpha   90.00
_cell.angle_beta   94.87
_cell.angle_gamma   90.00
#
_symmetry.space_group_name_H-M   'P 1 21 1'
#
loop_
_entity.id
_entity.type
_entity.pdbx_description
1 polymer '2-amino-4-hydroxy-6-hydroxymethyldihydropteridine pyrophosphokinase'
2 non-polymer "5'-S-[(2R,4R)-1-{2-[(2-amino-7,7-dimethyl-4-oxo-3,4,7,8-tetrahydropteridine-6-carbonyl)amino]ethyl}-2-carboxypiperidin-4-yl]-5'-thioadenosine"
3 non-polymer 1,2-ETHANEDIOL
4 non-polymer 'CHLORIDE ION'
5 water water
#
_entity_poly.entity_id   1
_entity_poly.type   'polypeptide(L)'
_entity_poly.pdbx_seq_one_letter_code
;GGMQYIIGIGTNIGFTIENIHLAITALESQQNIRIIRKASLYSSKAVLKEDAPKEWDIRFLNTAVKISSSLKPDELLVLL
KDIELKIGRDLNAPAWSPRVIDLDILAAEDLILETDKLTIPHKELINRSFALAPLLELSKGWHHPKYVEWDLNIRLKELG
EIVKLKQTLANTIRMGIVNLSNQSFSDGNFDDNQRKLNLDELIQSGAEIIDIGAESTKPDAKPISIEEEFNKLDEFLEYF
KSQLANLIYKPLVSIDTRKLEVMQKILAKHHDIIWMINDVECNNIEQKAQLIAKYNKKYVIIHNLGITDRNQYLDKENAI
DNVCDYIEQKKQILLKHGIAQQNIYFDIGFGFGKKSDTARYLLENIIEIKRRLELKALVGHSRKPSVLGLAKDSNLATLD
RATRELSRKLEKLDIDIIRVHKI
;
_entity_poly.pdbx_strand_id   A
#
# COMPACT_ATOMS: atom_id res chain seq x y z
N GLY A 2 -17.14 -13.85 23.79
CA GLY A 2 -18.17 -14.23 22.76
C GLY A 2 -17.63 -15.23 21.73
N MET A 3 -18.46 -15.54 20.74
N MET A 3 -18.46 -15.54 20.73
CA MET A 3 -18.12 -16.56 19.76
CA MET A 3 -18.10 -16.57 19.77
C MET A 3 -17.00 -16.07 18.86
C MET A 3 -16.98 -16.07 18.88
N GLN A 4 -16.07 -16.97 18.49
CA GLN A 4 -14.94 -16.69 17.61
C GLN A 4 -15.34 -17.08 16.20
N TYR A 5 -14.91 -16.29 15.22
CA TYR A 5 -15.20 -16.51 13.83
C TYR A 5 -13.92 -16.23 13.02
N ILE A 6 -13.75 -16.96 11.94
N ILE A 6 -13.76 -16.93 11.92
CA ILE A 6 -12.78 -16.62 10.90
CA ILE A 6 -12.75 -16.59 10.91
C ILE A 6 -13.56 -16.04 9.73
C ILE A 6 -13.45 -16.13 9.62
N ILE A 7 -13.21 -14.82 9.32
N ILE A 7 -13.19 -14.89 9.26
CA ILE A 7 -13.77 -14.18 8.16
CA ILE A 7 -13.80 -14.21 8.16
C ILE A 7 -12.76 -14.18 7.01
C ILE A 7 -12.80 -14.12 7.01
N GLY A 8 -13.10 -14.76 5.89
CA GLY A 8 -12.27 -14.69 4.72
C GLY A 8 -12.55 -13.46 3.90
N ILE A 9 -11.52 -12.90 3.31
CA ILE A 9 -11.64 -11.61 2.61
C ILE A 9 -10.85 -11.75 1.31
N GLY A 10 -11.50 -11.36 0.18
CA GLY A 10 -10.88 -11.40 -1.09
C GLY A 10 -11.20 -10.20 -1.95
N THR A 11 -10.34 -9.95 -2.94
CA THR A 11 -10.51 -8.84 -3.87
C THR A 11 -9.65 -9.10 -5.13
N ASN A 12 -10.14 -8.63 -6.30
CA ASN A 12 -9.32 -8.68 -7.50
C ASN A 12 -9.49 -7.45 -8.40
N ILE A 13 -9.95 -6.37 -7.92
CA ILE A 13 -10.11 -5.12 -8.73
C ILE A 13 -9.92 -3.90 -7.82
N GLY A 14 -9.50 -2.82 -8.41
CA GLY A 14 -9.29 -1.62 -7.67
C GLY A 14 -7.96 -1.61 -6.92
N PHE A 15 -7.91 -0.87 -5.82
CA PHE A 15 -6.73 -0.75 -4.98
C PHE A 15 -6.88 -1.93 -3.99
N THR A 16 -6.24 -3.04 -4.30
CA THR A 16 -6.53 -4.27 -3.61
C THR A 16 -6.22 -4.25 -2.13
N ILE A 17 -5.05 -3.79 -1.71
CA ILE A 17 -4.78 -3.77 -0.27
C ILE A 17 -5.70 -2.77 0.48
N GLU A 18 -6.10 -1.71 -0.20
CA GLU A 18 -7.01 -0.73 0.36
C GLU A 18 -8.33 -1.42 0.63
N ASN A 19 -8.86 -2.11 -0.39
CA ASN A 19 -10.12 -2.84 -0.25
C ASN A 19 -10.15 -3.78 0.97
N ILE A 20 -9.11 -4.59 1.13
CA ILE A 20 -9.04 -5.48 2.28
C ILE A 20 -9.00 -4.68 3.55
N HIS A 21 -8.13 -3.65 3.61
CA HIS A 21 -8.04 -2.88 4.83
C HIS A 21 -9.37 -2.24 5.17
N LEU A 22 -10.12 -1.71 4.19
CA LEU A 22 -11.39 -1.06 4.51
C LEU A 22 -12.40 -2.02 5.04
N ALA A 23 -12.39 -3.25 4.61
CA ALA A 23 -13.26 -4.28 5.20
C ALA A 23 -12.89 -4.55 6.62
N ILE A 24 -11.62 -4.66 6.91
CA ILE A 24 -11.17 -4.93 8.28
C ILE A 24 -11.49 -3.71 9.19
N THR A 25 -11.28 -2.49 8.71
CA THR A 25 -11.63 -1.29 9.50
C THR A 25 -13.09 -1.29 9.81
N ALA A 26 -13.92 -1.67 8.88
CA ALA A 26 -15.36 -1.72 9.12
C ALA A 26 -15.70 -2.73 10.21
N LEU A 27 -15.09 -3.89 10.21
CA LEU A 27 -15.27 -4.82 11.32
C LEU A 27 -14.77 -4.24 12.61
N GLU A 28 -13.57 -3.67 12.60
CA GLU A 28 -12.97 -3.16 13.83
C GLU A 28 -13.80 -2.00 14.40
N SER A 29 -14.53 -1.26 13.60
N SER A 29 -14.51 -1.26 13.58
CA SER A 29 -15.35 -0.15 14.07
CA SER A 29 -15.32 -0.16 14.06
C SER A 29 -16.62 -0.59 14.79
C SER A 29 -16.43 -0.62 14.98
N GLN A 30 -16.89 -1.86 14.85
CA GLN A 30 -18.08 -2.32 15.56
C GLN A 30 -17.70 -2.59 17.00
N GLN A 31 -18.54 -2.01 17.92
CA GLN A 31 -18.26 -2.21 19.34
C GLN A 31 -18.52 -3.64 19.80
N ASN A 32 -19.22 -4.41 19.01
CA ASN A 32 -19.51 -5.82 19.33
C ASN A 32 -18.64 -6.79 18.58
N ILE A 33 -17.51 -6.34 18.10
CA ILE A 33 -16.48 -7.17 17.49
C ILE A 33 -15.13 -6.82 18.05
N ARG A 34 -14.29 -7.79 18.31
CA ARG A 34 -12.90 -7.57 18.62
C ARG A 34 -12.08 -8.30 17.57
N ILE A 35 -11.10 -7.65 16.99
CA ILE A 35 -10.17 -8.31 16.08
C ILE A 35 -9.10 -8.97 16.90
N ILE A 36 -8.99 -10.29 16.80
CA ILE A 36 -7.97 -11.05 17.50
C ILE A 36 -6.67 -11.10 16.74
N ARG A 37 -6.70 -11.39 15.43
CA ARG A 37 -5.53 -11.52 14.62
C ARG A 37 -5.86 -11.38 13.16
N LYS A 38 -4.97 -10.82 12.36
CA LYS A 38 -5.05 -10.71 10.90
C LYS A 38 -4.05 -11.67 10.33
N ALA A 39 -4.42 -12.37 9.25
CA ALA A 39 -3.48 -13.27 8.64
C ALA A 39 -2.57 -12.58 7.66
N SER A 40 -1.66 -13.27 7.09
N SER A 40 -1.66 -13.32 7.08
CA SER A 40 -0.80 -12.86 5.98
CA SER A 40 -0.83 -12.82 6.00
C SER A 40 -1.68 -12.61 4.74
C SER A 40 -1.69 -12.60 4.76
N LEU A 41 -1.09 -11.93 3.78
CA LEU A 41 -1.71 -11.74 2.49
C LEU A 41 -1.27 -12.84 1.53
N TYR A 42 -2.23 -13.37 0.75
CA TYR A 42 -2.00 -14.44 -0.19
C TYR A 42 -2.45 -14.06 -1.57
N SER A 43 -1.72 -14.59 -2.54
CA SER A 43 -1.92 -14.28 -3.93
C SER A 43 -2.18 -15.54 -4.75
N SER A 44 -3.25 -15.52 -5.55
CA SER A 44 -3.58 -16.69 -6.35
C SER A 44 -4.25 -16.26 -7.64
N LYS A 45 -4.17 -17.16 -8.65
CA LYS A 45 -4.89 -16.86 -9.88
C LYS A 45 -6.38 -17.03 -9.64
N ALA A 46 -7.18 -16.22 -10.32
CA ALA A 46 -8.64 -16.33 -10.26
C ALA A 46 -9.15 -17.73 -10.60
N VAL A 47 -9.95 -18.25 -9.72
CA VAL A 47 -10.64 -19.52 -9.99
C VAL A 47 -11.89 -19.13 -10.75
N LEU A 48 -11.98 -19.57 -12.02
CA LEU A 48 -13.06 -19.14 -12.91
C LEU A 48 -13.68 -20.36 -13.61
N LYS A 49 -14.92 -20.20 -14.07
CA LYS A 49 -15.55 -21.20 -14.92
C LYS A 49 -14.81 -21.28 -16.24
N GLU A 50 -14.93 -22.44 -16.90
CA GLU A 50 -14.07 -22.73 -18.05
C GLU A 50 -14.30 -21.75 -19.19
N ASP A 51 -15.51 -21.21 -19.31
CA ASP A 51 -15.84 -20.36 -20.44
C ASP A 51 -15.83 -18.88 -20.07
N ALA A 52 -14.98 -18.47 -19.11
CA ALA A 52 -15.09 -17.11 -18.62
C ALA A 52 -14.31 -16.18 -19.52
N PRO A 53 -14.76 -14.92 -19.74
CA PRO A 53 -13.96 -14.00 -20.54
C PRO A 53 -12.60 -13.76 -19.93
N LYS A 54 -11.59 -13.65 -20.80
CA LYS A 54 -10.24 -13.40 -20.34
C LYS A 54 -10.13 -12.13 -19.52
N GLU A 55 -10.98 -11.14 -19.79
CA GLU A 55 -10.97 -9.92 -19.01
C GLU A 55 -11.29 -10.18 -17.53
N TRP A 56 -11.82 -11.34 -17.17
CA TRP A 56 -12.12 -11.64 -15.76
C TRP A 56 -10.94 -12.31 -15.06
N ASP A 57 -9.86 -12.60 -15.78
CA ASP A 57 -8.74 -13.38 -15.28
C ASP A 57 -7.69 -12.46 -14.66
N ILE A 58 -8.05 -11.97 -13.47
CA ILE A 58 -7.20 -11.03 -12.75
C ILE A 58 -6.84 -11.63 -11.38
N ARG A 59 -5.57 -11.54 -11.02
N ARG A 59 -5.57 -11.52 -11.02
CA ARG A 59 -5.05 -12.10 -9.77
CA ARG A 59 -5.03 -12.12 -9.79
C ARG A 59 -5.83 -11.62 -8.56
C ARG A 59 -5.79 -11.63 -8.56
N PHE A 60 -6.12 -12.54 -7.64
CA PHE A 60 -6.76 -12.20 -6.39
C PHE A 60 -5.74 -11.93 -5.30
N LEU A 61 -6.20 -11.10 -4.36
CA LEU A 61 -5.51 -10.84 -3.09
C LEU A 61 -6.49 -11.36 -2.03
N ASN A 62 -6.02 -12.26 -1.17
CA ASN A 62 -6.88 -12.87 -0.15
C ASN A 62 -6.22 -12.90 1.22
N THR A 63 -7.05 -12.89 2.25
CA THR A 63 -6.58 -13.03 3.61
C THR A 63 -7.78 -13.54 4.44
N ALA A 64 -7.61 -13.45 5.74
CA ALA A 64 -8.65 -13.78 6.71
C ALA A 64 -8.40 -13.05 8.05
N VAL A 65 -9.36 -12.85 8.80
N VAL A 65 -9.35 -12.93 8.83
CA VAL A 65 -9.22 -12.28 10.15
CA VAL A 65 -9.25 -12.24 10.11
C VAL A 65 -9.93 -13.16 11.14
C VAL A 65 -10.02 -13.02 11.16
N LYS A 66 -9.39 -13.24 12.32
CA LYS A 66 -10.00 -13.96 13.39
C LYS A 66 -10.62 -12.89 14.34
N ILE A 67 -11.91 -13.01 14.63
CA ILE A 67 -12.62 -12.09 15.51
C ILE A 67 -13.36 -12.80 16.64
N SER A 68 -13.60 -12.05 17.70
N SER A 68 -13.62 -12.07 17.71
CA SER A 68 -14.64 -12.39 18.67
CA SER A 68 -14.64 -12.51 18.66
C SER A 68 -15.84 -11.46 18.48
C SER A 68 -15.78 -11.49 18.65
N SER A 69 -16.96 -11.94 18.77
CA SER A 69 -18.17 -11.13 18.64
C SER A 69 -19.39 -11.72 19.35
N SER A 70 -20.30 -10.84 19.78
CA SER A 70 -21.55 -11.27 20.38
C SER A 70 -22.59 -11.47 19.29
N LEU A 71 -22.28 -11.21 18.02
CA LEU A 71 -23.22 -11.43 16.95
C LEU A 71 -23.39 -12.90 16.69
N LYS A 72 -24.62 -13.31 16.49
CA LYS A 72 -24.87 -14.69 16.06
C LYS A 72 -24.58 -14.83 14.59
N PRO A 73 -24.45 -16.07 14.07
CA PRO A 73 -23.97 -16.22 12.67
C PRO A 73 -24.81 -15.49 11.65
N ASP A 74 -26.16 -15.59 11.77
CA ASP A 74 -26.97 -14.90 10.78
C ASP A 74 -26.88 -13.38 10.88
N GLU A 75 -26.69 -12.85 12.08
CA GLU A 75 -26.49 -11.43 12.26
C GLU A 75 -25.13 -10.98 11.68
N LEU A 76 -24.09 -11.80 11.89
CA LEU A 76 -22.79 -11.51 11.28
C LEU A 76 -22.89 -11.46 9.76
N LEU A 77 -23.59 -12.43 9.13
CA LEU A 77 -23.75 -12.40 7.70
C LEU A 77 -24.37 -11.11 7.20
N VAL A 78 -25.44 -10.64 7.89
CA VAL A 78 -26.03 -9.36 7.51
C VAL A 78 -25.01 -8.21 7.60
N LEU A 79 -24.22 -8.16 8.65
CA LEU A 79 -23.19 -7.15 8.75
C LEU A 79 -22.20 -7.23 7.58
N LEU A 80 -21.74 -8.43 7.28
CA LEU A 80 -20.83 -8.56 6.19
C LEU A 80 -21.40 -8.06 4.85
N LYS A 81 -22.64 -8.38 4.56
CA LYS A 81 -23.23 -7.89 3.36
C LYS A 81 -23.30 -6.37 3.37
N ASP A 82 -23.60 -5.79 4.52
CA ASP A 82 -23.63 -4.33 4.56
C ASP A 82 -22.23 -3.72 4.35
N ILE A 83 -21.17 -4.37 4.85
CA ILE A 83 -19.84 -3.88 4.61
C ILE A 83 -19.49 -3.99 3.13
N GLU A 84 -19.87 -5.09 2.48
CA GLU A 84 -19.64 -5.26 1.05
C GLU A 84 -20.28 -4.12 0.28
N LEU A 85 -21.54 -3.83 0.64
CA LEU A 85 -22.22 -2.71 -0.04
C LEU A 85 -21.47 -1.43 0.16
N LYS A 86 -21.06 -1.12 1.39
N LYS A 86 -21.07 -1.10 1.39
CA LYS A 86 -20.45 0.18 1.69
CA LYS A 86 -20.46 0.20 1.63
C LYS A 86 -19.13 0.36 0.95
C LYS A 86 -19.14 0.36 0.87
N ILE A 87 -18.37 -0.72 0.77
CA ILE A 87 -17.14 -0.68 0.02
C ILE A 87 -17.37 -0.56 -1.46
N GLY A 88 -18.52 -1.00 -1.96
CA GLY A 88 -18.85 -0.76 -3.37
C GLY A 88 -19.13 -2.00 -4.18
N ARG A 89 -19.37 -3.12 -3.50
N ARG A 89 -19.37 -3.12 -3.51
CA ARG A 89 -19.71 -4.36 -4.19
CA ARG A 89 -19.69 -4.33 -4.24
C ARG A 89 -21.11 -4.25 -4.81
C ARG A 89 -21.12 -4.29 -4.80
N ASP A 90 -21.27 -4.81 -6.02
CA ASP A 90 -22.60 -5.06 -6.59
C ASP A 90 -22.96 -6.50 -6.23
N LEU A 91 -23.91 -6.67 -5.31
CA LEU A 91 -24.27 -8.00 -4.87
C LEU A 91 -24.95 -8.84 -5.98
N ASN A 92 -25.32 -8.21 -7.09
CA ASN A 92 -25.98 -8.91 -8.19
C ASN A 92 -25.18 -8.84 -9.47
N ALA A 93 -23.88 -8.66 -9.38
CA ALA A 93 -23.00 -8.66 -10.55
C ALA A 93 -22.79 -10.08 -11.05
N PRO A 94 -22.37 -10.24 -12.33
CA PRO A 94 -22.16 -11.58 -12.89
C PRO A 94 -21.22 -12.39 -12.03
N ALA A 95 -21.70 -13.54 -11.59
CA ALA A 95 -20.85 -14.46 -10.89
C ALA A 95 -19.58 -14.62 -11.73
N TRP A 96 -18.49 -14.82 -11.03
CA TRP A 96 -17.14 -14.99 -11.59
C TRP A 96 -16.48 -13.71 -12.05
N SER A 97 -17.17 -12.60 -12.16
CA SER A 97 -16.57 -11.39 -12.69
C SER A 97 -15.78 -10.65 -11.58
N PRO A 98 -14.92 -9.76 -11.95
CA PRO A 98 -14.04 -9.11 -10.95
C PRO A 98 -14.86 -8.35 -9.95
N ARG A 99 -14.37 -8.29 -8.70
CA ARG A 99 -15.10 -7.66 -7.64
C ARG A 99 -14.18 -6.94 -6.67
N VAL A 100 -14.71 -5.89 -6.06
CA VAL A 100 -13.91 -5.08 -5.20
C VAL A 100 -13.73 -5.79 -3.84
N ILE A 101 -14.69 -6.62 -3.43
CA ILE A 101 -14.56 -7.28 -2.11
C ILE A 101 -15.49 -8.43 -2.07
N ASP A 102 -15.07 -9.49 -1.36
CA ASP A 102 -15.89 -10.62 -0.97
C ASP A 102 -15.58 -10.90 0.49
N LEU A 103 -16.61 -11.14 1.28
CA LEU A 103 -16.48 -11.49 2.68
C LEU A 103 -17.21 -12.82 2.92
N ASP A 104 -16.55 -13.77 3.52
CA ASP A 104 -17.14 -15.08 3.79
C ASP A 104 -16.93 -15.49 5.26
N ILE A 105 -17.90 -16.15 5.86
CA ILE A 105 -17.67 -16.73 7.18
C ILE A 105 -17.07 -18.12 6.94
N LEU A 106 -15.78 -18.26 7.16
CA LEU A 106 -15.12 -19.50 6.89
C LEU A 106 -15.33 -20.54 7.99
N ALA A 107 -15.37 -20.18 9.27
CA ALA A 107 -15.49 -21.09 10.39
C ALA A 107 -15.96 -20.33 11.57
N ALA A 108 -16.52 -21.02 12.51
CA ALA A 108 -16.97 -20.50 13.78
C ALA A 108 -16.68 -21.56 14.85
N GLU A 109 -15.44 -21.64 15.29
CA GLU A 109 -14.99 -22.70 16.23
C GLU A 109 -15.43 -24.03 15.66
N ASP A 110 -16.14 -24.86 16.43
CA ASP A 110 -16.61 -26.17 16.02
C ASP A 110 -18.05 -26.16 15.58
N LEU A 111 -18.61 -24.98 15.28
CA LEU A 111 -19.99 -24.93 14.81
C LEU A 111 -20.16 -25.58 13.47
N ILE A 112 -21.27 -26.34 13.32
CA ILE A 112 -21.75 -26.85 12.06
C ILE A 112 -23.14 -26.25 11.87
N LEU A 113 -23.29 -25.39 10.88
CA LEU A 113 -24.57 -24.72 10.58
C LEU A 113 -24.83 -24.98 9.13
N GLU A 114 -26.00 -25.62 8.80
CA GLU A 114 -26.28 -25.94 7.42
C GLU A 114 -27.68 -25.40 7.08
N THR A 115 -27.77 -24.24 6.47
CA THR A 115 -29.00 -23.60 5.99
C THR A 115 -28.81 -23.09 4.57
N ASP A 116 -29.91 -22.80 3.89
CA ASP A 116 -29.77 -22.39 2.50
C ASP A 116 -28.97 -21.11 2.40
N LYS A 117 -29.19 -20.20 3.35
CA LYS A 117 -28.58 -18.89 3.34
C LYS A 117 -27.14 -18.89 3.92
N LEU A 118 -26.80 -19.91 4.72
CA LEU A 118 -25.53 -19.81 5.46
C LEU A 118 -25.13 -21.21 5.82
N THR A 119 -23.97 -21.63 5.32
CA THR A 119 -23.36 -22.86 5.76
C THR A 119 -21.99 -22.54 6.39
N ILE A 120 -21.74 -23.10 7.57
CA ILE A 120 -20.47 -22.95 8.32
C ILE A 120 -20.07 -24.34 8.78
N PRO A 121 -18.81 -24.72 8.67
CA PRO A 121 -17.76 -24.05 7.86
C PRO A 121 -18.19 -23.84 6.43
N HIS A 122 -17.66 -22.81 5.76
CA HIS A 122 -17.97 -22.54 4.38
C HIS A 122 -17.79 -23.81 3.57
N LYS A 123 -18.76 -24.08 2.72
CA LYS A 123 -18.75 -25.31 1.93
C LYS A 123 -17.55 -25.53 1.10
N GLU A 124 -16.87 -24.49 0.66
CA GLU A 124 -15.73 -24.63 -0.24
C GLU A 124 -14.37 -24.38 0.49
N LEU A 125 -14.41 -24.31 1.83
CA LEU A 125 -13.18 -24.05 2.60
C LEU A 125 -12.11 -25.05 2.24
N ILE A 126 -12.51 -26.31 2.27
CA ILE A 126 -11.57 -27.38 1.99
C ILE A 126 -11.17 -27.58 0.52
N ASN A 127 -11.71 -26.78 -0.40
CA ASN A 127 -11.30 -26.84 -1.76
C ASN A 127 -10.62 -25.54 -2.24
N ARG A 128 -10.33 -24.58 -1.36
CA ARG A 128 -9.80 -23.30 -1.81
C ARG A 128 -8.58 -22.96 -0.99
N SER A 129 -7.41 -23.06 -1.58
CA SER A 129 -6.18 -22.72 -0.88
C SER A 129 -6.16 -21.33 -0.33
N PHE A 130 -6.74 -20.37 -1.07
CA PHE A 130 -6.82 -19.00 -0.62
C PHE A 130 -7.74 -18.74 0.59
N ALA A 131 -8.61 -19.67 0.96
CA ALA A 131 -9.33 -19.60 2.19
C ALA A 131 -8.66 -20.47 3.27
N LEU A 132 -8.24 -21.70 2.94
CA LEU A 132 -7.68 -22.56 3.95
C LEU A 132 -6.35 -22.05 4.46
N ALA A 133 -5.50 -21.50 3.61
CA ALA A 133 -4.17 -21.06 4.09
C ALA A 133 -4.26 -19.98 5.16
N PRO A 134 -4.96 -18.85 4.94
CA PRO A 134 -5.05 -17.89 6.03
C PRO A 134 -5.77 -18.40 7.23
N LEU A 135 -6.80 -19.26 7.05
CA LEU A 135 -7.48 -19.85 8.20
C LEU A 135 -6.53 -20.66 9.07
N LEU A 136 -5.75 -21.52 8.46
CA LEU A 136 -4.82 -22.33 9.25
C LEU A 136 -3.69 -21.53 9.88
N GLU A 137 -3.32 -20.40 9.28
CA GLU A 137 -2.34 -19.51 9.91
C GLU A 137 -2.91 -18.93 11.16
N LEU A 138 -4.20 -18.62 11.23
CA LEU A 138 -4.88 -18.07 12.37
C LEU A 138 -5.26 -19.07 13.43
N SER A 139 -5.49 -20.30 13.02
CA SER A 139 -6.02 -21.36 13.96
C SER A 139 -5.21 -22.62 13.69
N LYS A 140 -3.95 -22.69 14.17
CA LYS A 140 -3.06 -23.76 13.71
C LYS A 140 -3.56 -25.20 13.92
N GLY A 141 -4.26 -25.43 14.99
CA GLY A 141 -4.70 -26.81 15.24
C GLY A 141 -6.12 -27.10 14.89
N TRP A 142 -6.76 -26.26 14.08
CA TRP A 142 -8.19 -26.37 13.86
C TRP A 142 -8.47 -27.55 12.97
N HIS A 143 -9.49 -28.33 13.40
CA HIS A 143 -10.03 -29.41 12.59
C HIS A 143 -11.40 -29.02 12.11
N HIS A 144 -11.74 -29.42 10.91
CA HIS A 144 -13.07 -29.12 10.39
C HIS A 144 -14.06 -29.97 11.17
N PRO A 145 -15.06 -29.40 11.82
CA PRO A 145 -15.88 -30.18 12.75
C PRO A 145 -16.68 -31.25 12.07
N LYS A 146 -16.92 -31.19 10.76
CA LYS A 146 -17.63 -32.28 10.05
C LYS A 146 -16.67 -33.37 9.58
N TYR A 147 -15.38 -33.11 9.50
CA TYR A 147 -14.36 -33.92 8.91
C TYR A 147 -13.11 -33.82 9.80
N VAL A 148 -13.33 -34.24 11.09
CA VAL A 148 -12.28 -34.02 12.11
C VAL A 148 -11.01 -34.79 11.82
N GLU A 149 -11.16 -35.90 11.13
CA GLU A 149 -10.00 -36.67 10.77
C GLU A 149 -9.06 -36.05 9.79
N TRP A 150 -9.46 -35.05 9.04
CA TRP A 150 -8.65 -34.54 8.01
C TRP A 150 -7.48 -33.70 8.54
N ASP A 151 -6.30 -34.02 8.08
CA ASP A 151 -5.11 -33.20 8.39
C ASP A 151 -5.16 -32.08 7.36
N LEU A 152 -5.63 -30.94 7.79
CA LEU A 152 -5.77 -29.81 6.87
C LEU A 152 -4.46 -29.24 6.35
N ASN A 153 -3.36 -29.39 7.06
CA ASN A 153 -2.08 -29.00 6.52
C ASN A 153 -1.69 -29.81 5.29
N ILE A 154 -1.95 -31.09 5.33
CA ILE A 154 -1.72 -31.92 4.16
C ILE A 154 -2.72 -31.52 3.08
N ARG A 155 -3.99 -31.33 3.42
CA ARG A 155 -4.94 -30.87 2.40
C ARG A 155 -4.51 -29.57 1.70
N LEU A 156 -4.01 -28.61 2.45
CA LEU A 156 -3.55 -27.38 1.84
C LEU A 156 -2.44 -27.65 0.82
N LYS A 157 -1.52 -28.55 1.14
CA LYS A 157 -0.49 -28.84 0.15
C LYS A 157 -1.04 -29.49 -1.09
N GLU A 158 -2.12 -30.24 -0.94
CA GLU A 158 -2.72 -30.86 -2.07
C GLU A 158 -3.32 -29.87 -2.99
N LEU A 159 -3.87 -28.76 -2.41
CA LEU A 159 -4.53 -27.77 -3.19
C LEU A 159 -3.52 -26.90 -3.89
N GLY A 160 -2.43 -26.54 -3.19
CA GLY A 160 -1.36 -25.68 -3.77
C GLY A 160 -1.88 -24.41 -4.41
N GLU A 161 -1.26 -24.05 -5.53
CA GLU A 161 -1.67 -22.87 -6.29
C GLU A 161 -1.78 -21.56 -5.50
N ILE A 162 -0.83 -21.28 -4.60
CA ILE A 162 -0.94 -20.05 -3.75
C ILE A 162 0.42 -19.54 -3.33
N VAL A 163 0.59 -18.22 -3.28
CA VAL A 163 1.80 -17.54 -2.87
C VAL A 163 1.50 -16.76 -1.61
N LYS A 164 2.27 -16.95 -0.58
CA LYS A 164 2.24 -16.14 0.63
C LYS A 164 3.09 -14.92 0.37
N LEU A 165 2.46 -13.72 0.31
CA LEU A 165 3.21 -12.52 0.03
C LEU A 165 3.99 -11.99 1.18
N LYS A 166 4.97 -11.15 0.87
CA LYS A 166 5.66 -10.41 1.86
C LYS A 166 5.03 -9.05 2.17
N GLN A 167 4.12 -8.56 1.32
CA GLN A 167 3.23 -7.47 1.68
C GLN A 167 2.43 -7.84 2.89
N THR A 168 2.16 -6.94 3.79
CA THR A 168 1.40 -7.26 4.99
C THR A 168 0.29 -6.28 5.28
N LEU A 169 -0.55 -6.58 6.25
CA LEU A 169 -1.63 -5.77 6.76
C LEU A 169 -1.17 -4.89 7.95
N ALA A 170 0.11 -4.74 8.14
CA ALA A 170 0.60 -3.88 9.22
C ALA A 170 0.27 -2.44 9.01
N ASN A 171 0.37 -1.73 10.14
CA ASN A 171 0.14 -0.30 10.13
C ASN A 171 1.16 0.43 9.29
N THR A 172 2.38 -0.03 9.17
CA THR A 172 3.38 0.63 8.34
C THR A 172 3.41 -0.04 7.01
N ILE A 173 3.25 0.72 5.95
CA ILE A 173 3.37 0.19 4.60
C ILE A 173 4.67 0.76 3.96
N ARG A 174 5.26 -0.05 3.10
CA ARG A 174 6.51 0.30 2.49
C ARG A 174 6.29 0.78 1.05
N MET A 175 6.88 1.92 0.74
CA MET A 175 6.82 2.53 -0.54
C MET A 175 8.18 2.29 -1.24
N GLY A 176 8.19 1.42 -2.21
CA GLY A 176 9.44 1.13 -2.92
C GLY A 176 9.70 2.14 -4.05
N ILE A 177 10.94 2.58 -4.15
CA ILE A 177 11.33 3.64 -5.08
C ILE A 177 11.59 3.11 -6.48
N VAL A 178 10.90 3.67 -7.46
CA VAL A 178 11.13 3.38 -8.86
C VAL A 178 11.67 4.70 -9.47
N ASN A 179 12.97 4.76 -9.71
CA ASN A 179 13.61 5.96 -10.21
C ASN A 179 13.80 5.80 -11.71
N LEU A 180 13.19 6.66 -12.50
CA LEU A 180 13.30 6.58 -13.95
C LEU A 180 14.29 7.58 -14.54
N SER A 181 15.06 8.22 -13.72
CA SER A 181 16.06 9.17 -14.21
C SER A 181 17.26 8.45 -14.83
N ASN A 182 18.21 9.21 -15.33
CA ASN A 182 19.45 8.61 -15.81
C ASN A 182 20.30 7.82 -14.80
N GLN A 183 20.10 7.97 -13.49
CA GLN A 183 20.78 7.20 -12.52
C GLN A 183 20.46 5.72 -12.71
N SER A 184 19.31 5.36 -13.27
CA SER A 184 18.99 3.96 -13.39
C SER A 184 19.07 3.50 -14.85
N PHE A 185 19.70 4.29 -15.71
CA PHE A 185 19.71 3.92 -17.12
C PHE A 185 20.45 2.60 -17.30
N SER A 186 19.87 1.68 -18.03
CA SER A 186 20.51 0.35 -18.21
C SER A 186 20.02 -0.32 -19.49
N ASP A 187 19.62 0.43 -20.47
CA ASP A 187 19.24 -0.14 -21.76
C ASP A 187 20.35 -0.94 -22.48
N GLY A 188 19.97 -2.02 -23.11
CA GLY A 188 20.87 -2.82 -23.92
C GLY A 188 20.38 -2.78 -25.34
N ASN A 189 21.10 -3.47 -26.21
CA ASN A 189 20.78 -3.43 -27.62
C ASN A 189 19.36 -3.76 -27.97
N PHE A 190 18.78 -4.74 -27.33
CA PHE A 190 17.48 -5.12 -27.73
C PHE A 190 16.54 -5.25 -26.50
N ASP A 191 16.90 -4.74 -25.32
N ASP A 191 16.87 -4.59 -25.38
CA ASP A 191 16.08 -4.87 -24.11
CA ASP A 191 16.02 -4.63 -24.20
C ASP A 191 16.67 -4.06 -22.96
C ASP A 191 16.10 -3.36 -23.36
N ASP A 192 15.95 -4.03 -21.84
N ASP A 192 14.97 -3.00 -22.79
CA ASP A 192 16.36 -3.30 -20.64
CA ASP A 192 14.94 -1.97 -21.75
C ASP A 192 15.66 -4.00 -19.51
C ASP A 192 14.26 -2.49 -20.49
N ASN A 193 16.08 -5.21 -19.25
N ASN A 193 14.58 -3.73 -20.10
CA ASN A 193 15.37 -6.03 -18.29
CA ASN A 193 13.76 -4.42 -19.11
C ASN A 193 15.43 -5.42 -16.90
C ASN A 193 14.35 -4.39 -17.70
N GLN A 194 16.15 -4.31 -16.73
N GLN A 194 15.48 -3.71 -17.44
CA GLN A 194 16.30 -3.73 -15.41
CA GLN A 194 16.01 -3.80 -16.08
C GLN A 194 14.97 -3.23 -14.86
C GLN A 194 15.00 -3.27 -15.07
N ARG A 195 14.38 -2.14 -15.37
CA ARG A 195 13.29 -1.60 -14.53
C ARG A 195 12.16 -2.60 -14.35
N LYS A 196 12.00 -3.54 -15.28
N LYS A 196 12.01 -3.54 -15.29
CA LYS A 196 10.99 -4.56 -15.13
CA LYS A 196 11.07 -4.65 -15.16
C LYS A 196 11.45 -5.68 -14.17
C LYS A 196 11.51 -5.65 -14.10
N LEU A 197 12.73 -5.98 -14.14
N LEU A 197 12.77 -6.04 -14.12
CA LEU A 197 13.21 -6.84 -13.06
CA LEU A 197 13.28 -6.86 -13.04
C LEU A 197 13.28 -6.08 -11.73
C LEU A 197 13.27 -6.08 -11.73
N ASN A 198 13.48 -4.76 -11.79
CA ASN A 198 13.48 -3.95 -10.56
C ASN A 198 12.06 -3.80 -10.02
N LEU A 199 11.07 -3.69 -10.88
CA LEU A 199 9.69 -3.74 -10.41
C LEU A 199 9.36 -5.10 -9.75
N ASP A 200 9.77 -6.20 -10.39
CA ASP A 200 9.51 -7.47 -9.81
C ASP A 200 10.19 -7.64 -8.47
N GLU A 201 11.42 -7.14 -8.32
CA GLU A 201 12.08 -7.28 -7.06
C GLU A 201 11.34 -6.56 -5.95
N LEU A 202 10.86 -5.37 -6.24
CA LEU A 202 10.05 -4.63 -5.24
C LEU A 202 8.80 -5.39 -4.86
N ILE A 203 8.10 -5.94 -5.83
CA ILE A 203 6.89 -6.65 -5.55
C ILE A 203 7.21 -7.88 -4.74
N GLN A 204 8.20 -8.66 -5.18
CA GLN A 204 8.47 -9.91 -4.49
C GLN A 204 8.88 -9.65 -3.06
N SER A 205 9.66 -8.60 -2.82
CA SER A 205 10.22 -8.32 -1.50
C SER A 205 9.26 -7.71 -0.52
N GLY A 206 8.07 -7.27 -1.01
CA GLY A 206 7.01 -6.89 -0.09
C GLY A 206 6.53 -5.47 -0.22
N ALA A 207 6.96 -4.69 -1.18
CA ALA A 207 6.47 -3.32 -1.27
C ALA A 207 4.95 -3.26 -1.49
N GLU A 208 4.24 -2.56 -0.61
CA GLU A 208 2.81 -2.35 -0.75
C GLU A 208 2.45 -1.20 -1.75
N ILE A 209 3.34 -0.22 -1.88
CA ILE A 209 3.20 0.92 -2.77
C ILE A 209 4.52 1.06 -3.55
N ILE A 210 4.38 1.52 -4.78
CA ILE A 210 5.55 1.88 -5.56
C ILE A 210 5.47 3.40 -5.87
N ASP A 211 6.59 4.10 -5.73
CA ASP A 211 6.70 5.54 -6.00
C ASP A 211 7.53 5.74 -7.26
N ILE A 212 6.90 6.26 -8.29
CA ILE A 212 7.54 6.42 -9.59
C ILE A 212 7.92 7.87 -9.84
N GLY A 213 9.21 8.14 -10.09
CA GLY A 213 9.66 9.51 -10.35
C GLY A 213 10.71 9.47 -11.42
N ALA A 214 10.81 10.58 -12.14
CA ALA A 214 11.81 10.71 -13.18
C ALA A 214 12.94 11.70 -12.80
N GLU A 215 12.91 12.40 -11.68
CA GLU A 215 14.02 13.31 -11.36
C GLU A 215 15.20 12.59 -10.81
N SER A 216 16.41 13.01 -11.18
CA SER A 216 17.58 12.47 -10.51
C SER A 216 17.76 13.05 -9.13
N THR A 217 18.38 12.35 -8.26
CA THR A 217 18.74 12.86 -6.94
C THR A 217 20.15 13.44 -6.88
N LYS A 218 20.91 13.35 -7.96
CA LYS A 218 22.27 13.90 -7.99
C LYS A 218 22.23 15.41 -7.78
N PRO A 219 23.15 15.94 -6.97
CA PRO A 219 23.37 17.39 -7.00
C PRO A 219 23.81 17.82 -8.39
N ASP A 220 23.11 18.82 -8.92
CA ASP A 220 23.47 19.42 -10.21
C ASP A 220 23.18 18.45 -11.38
N ALA A 221 22.08 17.70 -11.29
CA ALA A 221 21.70 16.84 -12.40
C ALA A 221 21.17 17.69 -13.56
N LYS A 222 21.24 17.13 -14.80
CA LYS A 222 20.62 17.83 -15.91
C LYS A 222 19.12 17.95 -15.68
N PRO A 223 18.53 19.16 -15.63
CA PRO A 223 17.07 19.28 -15.52
C PRO A 223 16.38 18.76 -16.76
N ILE A 224 15.10 18.39 -16.60
CA ILE A 224 14.35 17.77 -17.68
C ILE A 224 13.10 18.55 -17.96
N SER A 225 12.71 18.57 -19.24
CA SER A 225 11.51 19.28 -19.62
C SER A 225 10.33 18.60 -18.99
N ILE A 226 9.21 19.31 -18.91
CA ILE A 226 7.93 18.72 -18.60
C ILE A 226 7.63 17.59 -19.54
N GLU A 227 7.91 17.76 -20.85
CA GLU A 227 7.59 16.70 -21.78
C GLU A 227 8.38 15.44 -21.50
N GLU A 228 9.64 15.54 -21.23
CA GLU A 228 10.48 14.40 -20.97
C GLU A 228 10.04 13.69 -19.69
N GLU A 229 9.76 14.46 -18.64
CA GLU A 229 9.28 13.87 -17.38
C GLU A 229 7.97 13.13 -17.62
N PHE A 230 7.01 13.77 -18.26
CA PHE A 230 5.75 13.14 -18.57
C PHE A 230 5.93 11.85 -19.37
N ASN A 231 6.71 11.93 -20.44
CA ASN A 231 6.92 10.76 -21.27
C ASN A 231 7.52 9.57 -20.52
N LYS A 232 8.48 9.80 -19.65
CA LYS A 232 9.06 8.75 -18.86
C LYS A 232 8.01 8.11 -17.93
N LEU A 233 7.22 8.93 -17.27
CA LEU A 233 6.16 8.38 -16.42
C LEU A 233 5.12 7.64 -17.20
N ASP A 234 4.71 8.25 -18.31
CA ASP A 234 3.68 7.69 -19.17
C ASP A 234 4.06 6.31 -19.67
N GLU A 235 5.31 6.19 -20.12
N GLU A 235 5.33 6.17 -20.08
CA GLU A 235 5.81 4.92 -20.61
CA GLU A 235 5.81 4.90 -20.62
C GLU A 235 5.70 3.87 -19.51
C GLU A 235 5.90 3.83 -19.52
N PHE A 236 6.23 4.17 -18.39
CA PHE A 236 6.18 3.21 -17.28
C PHE A 236 4.77 2.81 -16.91
N LEU A 237 3.89 3.78 -16.81
CA LEU A 237 2.51 3.49 -16.47
C LEU A 237 1.79 2.61 -17.51
N GLU A 238 2.14 2.81 -18.77
CA GLU A 238 1.60 2.01 -19.85
C GLU A 238 2.07 0.59 -19.62
N TYR A 239 3.37 0.42 -19.36
CA TYR A 239 3.93 -0.89 -19.10
C TYR A 239 3.20 -1.54 -17.91
N PHE A 240 3.03 -0.78 -16.83
CA PHE A 240 2.39 -1.32 -15.65
C PHE A 240 0.99 -1.79 -15.98
N LYS A 241 0.22 -1.01 -16.73
CA LYS A 241 -1.13 -1.39 -17.10
C LYS A 241 -1.13 -2.70 -17.89
N SER A 242 -0.10 -2.88 -18.73
CA SER A 242 -0.03 -4.12 -19.52
C SER A 242 0.17 -5.35 -18.68
N GLN A 243 0.68 -5.25 -17.46
CA GLN A 243 1.04 -6.34 -16.60
C GLN A 243 0.13 -6.48 -15.38
N LEU A 244 -0.75 -5.50 -15.15
N LEU A 244 -0.80 -5.54 -15.25
CA LEU A 244 -1.54 -5.46 -13.93
CA LEU A 244 -1.56 -5.36 -14.03
C LEU A 244 -2.15 -6.79 -13.60
C LEU A 244 -2.26 -6.64 -13.62
N ALA A 245 -2.81 -7.39 -14.58
CA ALA A 245 -3.66 -8.53 -14.28
C ALA A 245 -2.87 -9.73 -13.87
N ASN A 246 -1.60 -9.78 -14.23
CA ASN A 246 -0.84 -10.98 -13.84
C ASN A 246 0.04 -10.81 -12.61
N LEU A 247 0.34 -9.57 -12.20
CA LEU A 247 1.23 -9.40 -11.05
C LEU A 247 0.77 -10.20 -9.84
N ILE A 248 1.71 -10.76 -9.10
CA ILE A 248 1.32 -11.49 -7.90
C ILE A 248 0.66 -10.58 -6.88
N TYR A 249 1.04 -9.30 -6.92
CA TYR A 249 0.47 -8.29 -6.06
C TYR A 249 0.51 -6.98 -6.86
N LYS A 250 -0.61 -6.29 -6.93
CA LYS A 250 -0.73 -5.06 -7.69
C LYS A 250 -0.51 -3.91 -6.70
N PRO A 251 0.63 -3.26 -6.72
CA PRO A 251 0.89 -2.24 -5.70
C PRO A 251 0.08 -0.98 -5.94
N LEU A 252 -0.18 -0.27 -4.81
CA LEU A 252 -0.65 1.11 -4.93
C LEU A 252 0.45 1.92 -5.62
N VAL A 253 0.02 2.85 -6.43
CA VAL A 253 0.94 3.65 -7.21
C VAL A 253 0.94 5.13 -6.78
N SER A 254 2.12 5.61 -6.42
CA SER A 254 2.38 7.04 -6.17
C SER A 254 3.24 7.58 -7.30
N ILE A 255 2.91 8.79 -7.68
CA ILE A 255 3.71 9.56 -8.67
C ILE A 255 4.47 10.66 -7.96
N ASP A 256 5.79 10.66 -8.11
N ASP A 256 5.78 10.64 -8.13
CA ASP A 256 6.71 11.56 -7.43
CA ASP A 256 6.72 11.54 -7.49
C ASP A 256 7.12 12.64 -8.43
C ASP A 256 7.01 12.64 -8.53
N THR A 257 6.49 13.84 -8.32
CA THR A 257 6.80 14.96 -9.25
C THR A 257 6.55 16.21 -8.45
N ARG A 258 7.18 17.28 -8.86
CA ARG A 258 6.91 18.61 -8.30
C ARG A 258 6.10 19.46 -9.25
N LYS A 259 5.86 19.03 -10.48
CA LYS A 259 5.28 19.94 -11.49
C LYS A 259 3.80 19.79 -11.72
N LEU A 260 3.04 20.84 -11.52
CA LEU A 260 1.61 20.78 -11.73
C LEU A 260 1.28 20.22 -13.11
N GLU A 261 1.90 20.72 -14.16
N GLU A 261 1.90 20.72 -14.16
CA GLU A 261 1.60 20.23 -15.51
CA GLU A 261 1.60 20.23 -15.51
C GLU A 261 1.61 18.69 -15.56
C GLU A 261 1.61 18.69 -15.56
N VAL A 262 2.75 18.15 -15.15
CA VAL A 262 3.01 16.71 -15.11
C VAL A 262 1.90 16.00 -14.35
N MET A 263 1.56 16.49 -13.16
CA MET A 263 0.45 15.88 -12.41
C MET A 263 -0.85 15.89 -13.20
N GLN A 264 -1.16 17.03 -13.88
CA GLN A 264 -2.39 17.12 -14.65
C GLN A 264 -2.44 16.09 -15.76
N LYS A 265 -1.35 16.04 -16.56
CA LYS A 265 -1.35 15.19 -17.75
C LYS A 265 -1.33 13.73 -17.36
N ILE A 266 -0.56 13.41 -16.31
CA ILE A 266 -0.52 12.00 -15.89
C ILE A 266 -1.84 11.59 -15.27
N LEU A 267 -2.48 12.44 -14.50
CA LEU A 267 -3.77 12.07 -13.95
C LEU A 267 -4.82 11.96 -15.02
N ALA A 268 -4.81 12.89 -15.97
CA ALA A 268 -5.82 12.79 -17.05
C ALA A 268 -5.76 11.44 -17.77
N LYS A 269 -4.56 10.94 -18.00
CA LYS A 269 -4.36 9.71 -18.77
C LYS A 269 -4.45 8.44 -17.90
N HIS A 270 -4.07 8.50 -16.59
CA HIS A 270 -3.80 7.32 -15.80
C HIS A 270 -4.47 7.41 -14.43
N HIS A 271 -5.42 8.27 -14.20
CA HIS A 271 -5.97 8.42 -12.83
C HIS A 271 -6.46 7.14 -12.25
N ASP A 272 -7.09 6.25 -13.04
CA ASP A 272 -7.70 5.10 -12.40
C ASP A 272 -6.72 4.08 -11.85
N ILE A 273 -5.43 4.17 -12.16
CA ILE A 273 -4.44 3.31 -11.53
C ILE A 273 -3.59 4.00 -10.50
N ILE A 274 -3.80 5.28 -10.28
CA ILE A 274 -2.96 6.06 -9.39
C ILE A 274 -3.66 6.27 -8.02
N TRP A 275 -2.93 6.01 -6.96
CA TRP A 275 -3.44 6.19 -5.63
C TRP A 275 -3.00 7.54 -5.00
N MET A 276 -1.77 8.00 -5.26
CA MET A 276 -1.22 9.14 -4.58
C MET A 276 -0.28 9.98 -5.45
N ILE A 277 -0.20 11.25 -5.10
CA ILE A 277 0.75 12.17 -5.68
C ILE A 277 1.72 12.55 -4.53
N ASN A 278 2.99 12.27 -4.71
CA ASN A 278 4.04 12.60 -3.74
C ASN A 278 4.80 13.81 -4.30
N ASP A 279 4.54 14.98 -3.74
CA ASP A 279 5.11 16.21 -4.30
C ASP A 279 6.41 16.57 -3.70
N VAL A 280 7.42 16.66 -4.51
CA VAL A 280 8.73 17.00 -4.10
C VAL A 280 8.95 18.47 -3.71
N GLU A 281 8.12 19.41 -4.20
CA GLU A 281 8.24 20.80 -3.80
C GLU A 281 6.87 21.45 -4.01
N CYS A 282 6.21 21.81 -2.92
N CYS A 282 6.16 21.73 -2.94
CA CYS A 282 4.79 22.21 -2.93
CA CYS A 282 4.76 22.12 -3.11
C CYS A 282 4.54 23.64 -3.42
C CYS A 282 4.62 23.63 -3.33
N ASN A 283 5.30 24.10 -4.39
CA ASN A 283 4.97 25.34 -5.07
C ASN A 283 3.61 25.18 -5.74
N ASN A 284 2.87 26.29 -5.84
CA ASN A 284 1.53 26.32 -6.45
C ASN A 284 0.60 25.27 -5.80
N ILE A 285 0.59 25.25 -4.50
CA ILE A 285 -0.25 24.32 -3.79
C ILE A 285 -1.69 24.61 -4.07
N GLU A 286 -2.06 25.88 -4.34
CA GLU A 286 -3.49 26.17 -4.61
C GLU A 286 -4.02 25.44 -5.83
N GLN A 287 -3.28 25.45 -6.99
CA GLN A 287 -3.80 24.74 -8.14
C GLN A 287 -3.57 23.25 -8.06
N LYS A 288 -2.50 22.82 -7.41
CA LYS A 288 -2.33 21.37 -7.15
C LYS A 288 -3.47 20.88 -6.30
N ALA A 289 -3.92 21.64 -5.30
CA ALA A 289 -5.04 21.22 -4.42
C ALA A 289 -6.28 21.01 -5.26
N GLN A 290 -6.52 21.86 -6.26
CA GLN A 290 -7.73 21.65 -7.07
C GLN A 290 -7.66 20.36 -7.82
N LEU A 291 -6.50 20.01 -8.34
CA LEU A 291 -6.33 18.76 -9.05
C LEU A 291 -6.44 17.53 -8.16
N ILE A 292 -5.88 17.56 -6.95
CA ILE A 292 -6.02 16.45 -6.00
C ILE A 292 -7.45 16.27 -5.53
N ALA A 293 -8.16 17.35 -5.35
CA ALA A 293 -9.58 17.28 -4.99
C ALA A 293 -10.36 16.63 -6.12
N LYS A 294 -10.17 17.10 -7.34
CA LYS A 294 -10.91 16.58 -8.49
C LYS A 294 -10.77 15.06 -8.64
N TYR A 295 -9.58 14.52 -8.43
CA TYR A 295 -9.31 13.11 -8.66
C TYR A 295 -9.33 12.26 -7.38
N ASN A 296 -9.59 12.86 -6.21
CA ASN A 296 -9.76 12.10 -4.97
C ASN A 296 -8.51 11.33 -4.65
N LYS A 297 -7.33 11.90 -4.85
CA LYS A 297 -6.09 11.15 -4.56
C LYS A 297 -5.47 11.55 -3.25
N LYS A 298 -4.55 10.72 -2.81
CA LYS A 298 -3.77 11.05 -1.65
C LYS A 298 -2.69 12.06 -2.10
N TYR A 299 -2.24 12.87 -1.17
CA TYR A 299 -1.21 13.88 -1.43
C TYR A 299 -0.23 13.98 -0.28
N VAL A 300 1.05 14.14 -0.58
CA VAL A 300 2.09 14.29 0.42
C VAL A 300 2.62 15.71 0.38
N ILE A 301 2.54 16.41 1.50
CA ILE A 301 3.22 17.71 1.74
C ILE A 301 4.61 17.45 2.23
N ILE A 302 5.59 17.94 1.49
CA ILE A 302 6.98 17.80 1.89
C ILE A 302 7.52 19.16 2.35
N HIS A 303 8.34 19.13 3.39
CA HIS A 303 9.05 20.36 3.85
C HIS A 303 10.32 20.59 3.01
N ASN A 304 10.14 21.27 1.90
CA ASN A 304 11.23 21.54 0.93
C ASN A 304 11.06 23.02 0.59
N LEU A 305 11.80 23.89 1.24
CA LEU A 305 11.65 25.32 1.03
C LEU A 305 12.59 25.80 -0.08
N GLY A 306 13.24 24.90 -0.79
CA GLY A 306 14.01 25.34 -1.96
C GLY A 306 15.27 26.06 -1.59
N ILE A 307 15.89 25.72 -0.47
CA ILE A 307 17.04 26.49 0.04
C ILE A 307 18.26 26.01 -0.72
N THR A 308 18.97 26.96 -1.33
CA THR A 308 20.20 26.64 -2.05
C THR A 308 21.45 27.02 -1.28
N ASP A 309 21.35 27.96 -0.35
CA ASP A 309 22.49 28.37 0.47
C ASP A 309 22.59 27.48 1.69
N ARG A 310 23.67 26.70 1.78
CA ARG A 310 23.82 25.77 2.89
C ARG A 310 23.92 26.51 4.22
N ASN A 311 24.35 27.76 4.21
CA ASN A 311 24.39 28.48 5.47
C ASN A 311 23.01 28.72 6.02
N GLN A 312 22.01 28.69 5.13
CA GLN A 312 20.62 28.93 5.48
C GLN A 312 19.87 27.66 5.84
N TYR A 313 20.55 26.54 5.91
CA TYR A 313 19.90 25.29 6.30
C TYR A 313 19.38 25.40 7.74
N LEU A 314 18.34 24.60 8.02
CA LEU A 314 17.63 24.63 9.31
C LEU A 314 18.40 24.03 10.49
N ASP A 315 18.36 24.75 11.59
CA ASP A 315 18.98 24.38 12.85
C ASP A 315 17.96 23.60 13.69
N LYS A 316 18.42 22.75 14.55
CA LYS A 316 17.51 21.91 15.33
C LYS A 316 16.63 22.64 16.34
N GLU A 317 17.09 23.73 16.91
CA GLU A 317 16.36 24.37 17.96
C GLU A 317 14.98 24.94 17.66
N ASN A 318 14.76 25.41 16.44
CA ASN A 318 13.44 25.87 16.07
C ASN A 318 12.90 25.01 14.92
N ALA A 319 13.46 23.84 14.77
CA ALA A 319 13.09 23.00 13.61
C ALA A 319 11.66 22.49 13.70
N ILE A 320 11.22 22.06 14.84
CA ILE A 320 9.84 21.56 14.95
C ILE A 320 8.84 22.65 14.58
N ASP A 321 9.05 23.84 15.11
CA ASP A 321 8.16 24.96 14.81
C ASP A 321 8.22 25.31 13.33
N ASN A 322 9.43 25.32 12.75
CA ASN A 322 9.60 25.68 11.37
C ASN A 322 8.88 24.70 10.42
N VAL A 323 9.05 23.43 10.68
CA VAL A 323 8.43 22.39 9.86
C VAL A 323 6.92 22.42 10.08
N CYS A 324 6.44 22.47 11.33
CA CYS A 324 5.01 22.52 11.60
C CYS A 324 4.36 23.74 11.00
N ASP A 325 4.92 24.91 11.20
CA ASP A 325 4.30 26.12 10.67
C ASP A 325 4.10 25.97 9.19
N TYR A 326 5.13 25.51 8.49
CA TYR A 326 5.07 25.41 7.03
C TYR A 326 4.03 24.37 6.60
N ILE A 327 4.10 23.18 7.21
CA ILE A 327 3.18 22.13 6.79
C ILE A 327 1.78 22.49 7.15
N GLU A 328 1.59 23.13 8.30
CA GLU A 328 0.27 23.53 8.74
C GLU A 328 -0.40 24.45 7.72
N GLN A 329 0.35 25.42 7.21
CA GLN A 329 -0.16 26.38 6.23
C GLN A 329 -0.52 25.70 4.92
N LYS A 330 0.29 24.76 4.46
CA LYS A 330 -0.06 24.04 3.25
C LYS A 330 -1.26 23.12 3.47
N LYS A 331 -1.35 22.47 4.64
CA LYS A 331 -2.53 21.68 5.01
C LYS A 331 -3.77 22.51 4.91
N GLN A 332 -3.75 23.68 5.53
CA GLN A 332 -4.95 24.51 5.58
C GLN A 332 -5.39 24.91 4.16
N ILE A 333 -4.46 25.13 3.23
CA ILE A 333 -4.83 25.40 1.84
C ILE A 333 -5.50 24.19 1.21
N LEU A 334 -4.94 22.97 1.41
CA LEU A 334 -5.56 21.79 0.89
C LEU A 334 -6.95 21.61 1.44
N LEU A 335 -7.13 21.78 2.74
CA LEU A 335 -8.45 21.65 3.37
C LEU A 335 -9.45 22.63 2.85
N LYS A 336 -9.03 23.88 2.61
CA LYS A 336 -9.93 24.87 2.02
C LYS A 336 -10.28 24.57 0.61
N HIS A 337 -9.54 23.74 -0.12
CA HIS A 337 -9.87 23.26 -1.44
C HIS A 337 -10.58 21.90 -1.39
N GLY A 338 -11.12 21.52 -0.29
CA GLY A 338 -12.03 20.38 -0.25
C GLY A 338 -11.38 19.02 -0.15
N ILE A 339 -10.09 18.92 0.15
CA ILE A 339 -9.39 17.66 0.28
C ILE A 339 -9.64 17.14 1.69
N ALA A 340 -10.00 15.87 1.77
CA ALA A 340 -10.26 15.23 3.05
C ALA A 340 -8.92 15.12 3.79
N GLN A 341 -8.92 15.48 5.04
CA GLN A 341 -7.71 15.47 5.82
C GLN A 341 -7.07 14.10 5.86
N GLN A 342 -7.84 13.03 5.85
CA GLN A 342 -7.29 11.69 5.85
C GLN A 342 -6.57 11.32 4.59
N ASN A 343 -6.66 12.13 3.56
CA ASN A 343 -5.96 11.88 2.32
C ASN A 343 -4.64 12.60 2.23
N ILE A 344 -4.28 13.31 3.28
CA ILE A 344 -3.05 14.11 3.30
C ILE A 344 -1.97 13.49 4.23
N TYR A 345 -0.75 13.37 3.74
CA TYR A 345 0.39 12.89 4.48
C TYR A 345 1.43 14.01 4.50
N PHE A 346 2.34 13.92 5.44
CA PHE A 346 3.47 14.86 5.53
C PHE A 346 4.79 14.10 5.49
N ASP A 347 5.80 14.78 4.96
CA ASP A 347 7.16 14.26 4.84
C ASP A 347 8.11 15.38 5.26
N ILE A 348 8.92 15.12 6.28
CA ILE A 348 9.87 16.15 6.84
C ILE A 348 10.85 16.51 5.83
N GLY A 349 11.20 15.65 4.87
CA GLY A 349 12.15 15.98 3.83
C GLY A 349 13.57 16.09 4.30
N PHE A 350 14.17 14.98 4.70
CA PHE A 350 15.49 15.08 5.36
C PHE A 350 16.59 15.70 4.52
N GLY A 351 16.65 15.39 3.26
CA GLY A 351 17.65 15.91 2.36
C GLY A 351 17.41 17.30 1.82
N PHE A 352 16.36 18.03 2.29
CA PHE A 352 16.06 19.35 1.79
C PHE A 352 16.32 20.40 2.88
N GLY A 353 17.44 21.10 2.75
CA GLY A 353 17.65 22.30 3.56
C GLY A 353 17.82 22.09 5.06
N LYS A 354 18.33 20.93 5.49
CA LYS A 354 18.48 20.56 6.89
C LYS A 354 19.90 20.14 7.23
N LYS A 355 20.39 20.65 8.34
CA LYS A 355 21.63 20.12 8.86
C LYS A 355 21.45 18.69 9.37
N SER A 356 22.53 17.92 9.48
CA SER A 356 22.44 16.52 9.88
C SER A 356 21.81 16.35 11.26
N ASP A 357 22.20 17.18 12.24
CA ASP A 357 21.61 17.05 13.54
C ASP A 357 20.13 17.42 13.53
N THR A 358 19.78 18.43 12.76
CA THR A 358 18.38 18.82 12.56
C THR A 358 17.57 17.63 12.02
N ALA A 359 18.06 16.98 11.00
CA ALA A 359 17.34 15.78 10.48
C ALA A 359 17.13 14.72 11.55
N ARG A 360 18.16 14.35 12.27
CA ARG A 360 18.05 13.38 13.33
C ARG A 360 17.04 13.81 14.40
N TYR A 361 17.13 15.04 14.87
CA TYR A 361 16.23 15.52 15.86
C TYR A 361 14.77 15.45 15.40
N LEU A 362 14.48 15.85 14.17
CA LEU A 362 13.14 15.79 13.63
C LEU A 362 12.64 14.36 13.54
N LEU A 363 13.49 13.45 13.12
CA LEU A 363 13.05 12.04 13.10
C LEU A 363 12.76 11.51 14.52
N GLU A 364 13.54 11.90 15.52
CA GLU A 364 13.30 11.51 16.87
C GLU A 364 11.97 11.99 17.37
N ASN A 365 11.44 13.04 16.79
CA ASN A 365 10.19 13.66 17.22
C ASN A 365 9.04 13.52 16.26
N ILE A 366 9.08 12.49 15.43
CA ILE A 366 8.13 12.32 14.34
C ILE A 366 6.74 12.14 14.89
N ILE A 367 6.60 11.39 16.00
CA ILE A 367 5.22 11.11 16.49
C ILE A 367 4.60 12.41 17.01
N GLU A 368 5.38 13.22 17.70
CA GLU A 368 4.88 14.52 18.19
C GLU A 368 4.48 15.40 17.05
N ILE A 369 5.29 15.43 15.97
CA ILE A 369 4.94 16.19 14.77
C ILE A 369 3.64 15.70 14.16
N LYS A 370 3.49 14.34 14.04
CA LYS A 370 2.24 13.76 13.53
C LYS A 370 1.01 14.20 14.33
N ARG A 371 1.12 14.09 15.67
CA ARG A 371 0.01 14.58 16.53
C ARG A 371 -0.23 16.05 16.36
N ARG A 372 0.81 16.85 16.39
CA ARG A 372 0.63 18.28 16.24
C ARG A 372 -0.08 18.65 14.93
N LEU A 373 0.28 18.01 13.83
CA LEU A 373 -0.32 18.35 12.55
C LEU A 373 -1.62 17.55 12.24
N GLU A 374 -1.92 16.52 13.02
CA GLU A 374 -3.02 15.63 12.72
C GLU A 374 -2.98 15.16 11.25
N LEU A 375 -1.76 14.72 10.86
CA LEU A 375 -1.52 14.15 9.51
C LEU A 375 -0.71 12.89 9.69
N LYS A 376 -0.97 11.92 8.81
CA LYS A 376 -0.19 10.72 8.72
C LYS A 376 1.21 11.03 8.16
N ALA A 377 2.18 10.21 8.55
CA ALA A 377 3.57 10.43 8.28
C ALA A 377 4.14 9.57 7.22
N LEU A 378 4.87 10.14 6.33
CA LEU A 378 5.72 9.44 5.35
C LEU A 378 7.17 9.76 5.69
N VAL A 379 7.94 8.77 5.94
CA VAL A 379 9.37 8.87 6.31
C VAL A 379 10.22 8.35 5.19
N GLY A 380 11.12 9.18 4.66
CA GLY A 380 11.99 8.84 3.54
C GLY A 380 13.44 8.85 4.04
N HIS A 381 13.87 7.87 4.75
CA HIS A 381 15.16 7.79 5.41
C HIS A 381 16.18 7.03 4.54
N SER A 382 15.75 6.39 3.44
CA SER A 382 16.54 5.40 2.80
C SER A 382 17.79 6.09 2.19
N ARG A 383 18.93 5.48 2.50
CA ARG A 383 20.24 5.93 1.95
C ARG A 383 20.54 7.41 2.27
N LYS A 384 20.01 7.93 3.35
CA LYS A 384 20.23 9.32 3.76
C LYS A 384 21.11 9.31 4.96
N PRO A 385 22.42 9.63 4.81
CA PRO A 385 23.33 9.44 5.93
C PRO A 385 23.03 10.29 7.18
N SER A 386 22.42 11.45 6.99
CA SER A 386 22.05 12.29 8.15
C SER A 386 21.21 11.51 9.17
N VAL A 387 20.04 10.96 8.75
CA VAL A 387 19.23 10.25 9.73
C VAL A 387 19.72 8.89 10.10
N LEU A 388 20.51 8.25 9.24
CA LEU A 388 21.09 7.00 9.54
C LEU A 388 22.24 7.12 10.55
N GLY A 389 22.71 8.34 10.78
CA GLY A 389 23.85 8.49 11.68
C GLY A 389 25.16 8.01 11.08
N LEU A 390 25.34 8.17 9.77
CA LEU A 390 26.46 7.57 9.04
C LEU A 390 27.23 8.67 8.37
N ALA A 391 28.49 8.37 8.05
CA ALA A 391 29.30 9.29 7.27
C ALA A 391 28.68 9.46 5.87
N LYS A 392 28.79 10.68 5.33
N LYS A 392 28.78 10.68 5.34
CA LYS A 392 28.13 10.99 4.06
CA LYS A 392 28.13 11.00 4.07
C LYS A 392 28.67 10.17 2.90
C LYS A 392 28.68 10.20 2.89
N ASP A 393 29.89 9.65 3.01
CA ASP A 393 30.48 8.84 1.94
C ASP A 393 30.39 7.38 2.21
N SER A 394 29.43 6.96 3.03
CA SER A 394 29.29 5.55 3.28
C SER A 394 28.93 4.84 2.00
N ASN A 395 29.39 3.60 1.88
CA ASN A 395 29.08 2.79 0.70
C ASN A 395 27.61 2.32 0.74
N LEU A 396 27.15 1.81 -0.40
CA LEU A 396 25.74 1.40 -0.52
C LEU A 396 25.39 0.25 0.43
N ALA A 397 26.25 -0.75 0.59
CA ALA A 397 25.94 -1.84 1.49
C ALA A 397 25.72 -1.33 2.89
N THR A 398 26.53 -0.35 3.30
CA THR A 398 26.38 0.20 4.65
C THR A 398 25.10 1.03 4.72
N LEU A 399 24.85 1.87 3.70
CA LEU A 399 23.60 2.65 3.68
C LEU A 399 22.38 1.74 3.76
N ASP A 400 22.36 0.68 2.97
CA ASP A 400 21.15 -0.19 2.96
C ASP A 400 20.99 -0.93 4.27
N ARG A 401 22.08 -1.38 4.89
CA ARG A 401 21.98 -2.05 6.17
C ARG A 401 21.40 -1.17 7.25
N ALA A 402 21.91 0.04 7.36
CA ALA A 402 21.39 1.01 8.33
C ALA A 402 19.92 1.34 7.99
N THR A 403 19.61 1.44 6.72
CA THR A 403 18.21 1.74 6.27
C THR A 403 17.28 0.66 6.75
N ARG A 404 17.66 -0.59 6.60
CA ARG A 404 16.78 -1.69 6.99
C ARG A 404 16.60 -1.69 8.46
N GLU A 405 17.67 -1.40 9.22
CA GLU A 405 17.56 -1.41 10.65
C GLU A 405 16.67 -0.28 11.15
N LEU A 406 16.77 0.91 10.52
CA LEU A 406 15.88 1.98 10.91
C LEU A 406 14.43 1.66 10.50
N SER A 407 14.29 1.08 9.32
CA SER A 407 12.94 0.65 8.89
C SER A 407 12.27 -0.22 9.93
N ARG A 408 12.98 -1.22 10.47
CA ARG A 408 12.33 -2.07 11.47
C ARG A 408 11.90 -1.25 12.67
N LYS A 409 12.69 -0.29 13.08
CA LYS A 409 12.35 0.54 14.20
C LYS A 409 11.10 1.41 13.91
N LEU A 410 11.03 2.01 12.72
CA LEU A 410 9.90 2.80 12.33
C LEU A 410 8.61 1.98 12.20
N GLU A 411 8.71 0.76 11.70
CA GLU A 411 7.57 -0.12 11.65
C GLU A 411 7.02 -0.42 13.09
N LYS A 412 7.90 -0.59 14.06
CA LYS A 412 7.48 -0.83 15.42
C LYS A 412 6.81 0.35 16.02
N LEU A 413 7.14 1.55 15.55
CA LEU A 413 6.51 2.77 15.94
C LEU A 413 5.25 3.09 15.16
N ASP A 414 4.90 2.22 14.24
CA ASP A 414 3.66 2.35 13.44
C ASP A 414 3.65 3.64 12.57
N ILE A 415 4.84 4.03 12.07
CA ILE A 415 4.87 5.14 11.10
C ILE A 415 4.07 4.70 9.92
N ASP A 416 3.32 5.61 9.29
CA ASP A 416 2.36 5.23 8.30
C ASP A 416 2.97 4.70 7.02
N ILE A 417 3.93 5.41 6.42
CA ILE A 417 4.60 5.01 5.21
C ILE A 417 6.09 5.21 5.35
N ILE A 418 6.89 4.24 4.95
CA ILE A 418 8.35 4.38 4.84
C ILE A 418 8.76 4.21 3.40
N ARG A 419 9.49 5.15 2.87
CA ARG A 419 9.92 5.17 1.46
C ARG A 419 11.35 4.68 1.38
N VAL A 420 11.54 3.59 0.67
CA VAL A 420 12.82 2.89 0.70
C VAL A 420 13.21 2.39 -0.68
N HIS A 421 14.53 2.23 -0.84
CA HIS A 421 15.07 1.64 -2.09
C HIS A 421 14.99 0.14 -2.08
N LYS A 422 15.19 -0.46 -0.93
CA LYS A 422 15.23 -1.90 -0.77
C LYS A 422 14.33 -2.20 0.43
N ILE A 423 13.52 -3.21 0.32
CA ILE A 423 12.59 -3.64 1.40
C ILE A 423 13.44 -4.44 2.39
#